data_2VM2
#
_entry.id   2VM2
#
_cell.length_a   121.726
_cell.length_b   33.663
_cell.length_c   132.202
_cell.angle_alpha   90.00
_cell.angle_beta   112.48
_cell.angle_gamma   90.00
#
_symmetry.space_group_name_H-M   'C 1 2 1'
#
loop_
_entity.id
_entity.type
_entity.pdbx_description
1 polymer 'THIOREDOXIN H ISOFORM 1.'
2 water water
#
_entity_poly.entity_id   1
_entity_poly.type   'polypeptide(L)'
_entity_poly.pdbx_seq_one_letter_code
;MAAEEGAVIACHTKQEFDTHMANGKDTGKLVIIDFTASWCGPCRVIAPVFAEYAKKFPGAIFLKVDVDELKDVAEAYNVE
AMPTFLFIKDGEKVDSVVGGRKDDIHTKIVALMGSAST
;
_entity_poly.pdbx_strand_id   A,B,C,D
#
# COMPACT_ATOMS: atom_id res chain seq x y z
N GLY A 6 -14.56 -9.09 -4.37
CA GLY A 6 -13.59 -9.90 -3.54
C GLY A 6 -12.25 -10.04 -4.24
N ALA A 7 -11.34 -9.11 -3.93
CA ALA A 7 -10.05 -9.07 -4.61
C ALA A 7 -8.94 -8.80 -3.61
N VAL A 8 -7.78 -9.38 -3.88
CA VAL A 8 -6.56 -9.09 -3.11
C VAL A 8 -6.12 -7.66 -3.44
N ILE A 9 -5.80 -6.90 -2.39
CA ILE A 9 -5.31 -5.53 -2.56
C ILE A 9 -3.79 -5.48 -2.28
N ALA A 10 -3.01 -5.25 -3.34
CA ALA A 10 -1.57 -5.01 -3.21
C ALA A 10 -1.36 -3.61 -2.62
N CYS A 11 -0.74 -3.54 -1.44
CA CYS A 11 -0.36 -2.28 -0.82
C CYS A 11 1.11 -1.91 -1.15
N HIS A 12 1.27 -0.87 -1.95
CA HIS A 12 2.57 -0.48 -2.49
C HIS A 12 3.29 0.61 -1.67
N THR A 13 2.55 1.22 -0.73
CA THR A 13 3.08 2.21 0.19
C THR A 13 2.54 1.91 1.59
N LYS A 14 3.23 2.46 2.59
CA LYS A 14 2.75 2.38 3.98
C LYS A 14 1.38 3.05 4.11
N GLN A 15 1.19 4.14 3.38
CA GLN A 15 -0.07 4.87 3.38
C GLN A 15 -1.24 3.99 2.90
N GLU A 16 -0.99 3.25 1.81
CA GLU A 16 -1.99 2.33 1.25
C GLU A 16 -2.31 1.21 2.24
N PHE A 17 -1.26 0.62 2.80
CA PHE A 17 -1.42 -0.35 3.87
C PHE A 17 -2.29 0.18 5.02
N ASP A 18 -1.95 1.36 5.55
CA ASP A 18 -2.64 1.97 6.70
C ASP A 18 -4.12 2.27 6.40
N THR A 19 -4.45 2.75 5.19
CA THR A 19 -5.84 3.10 4.91
C THR A 19 -6.73 1.84 4.85
N HIS A 20 -6.21 0.76 4.27
CA HIS A 20 -6.98 -0.50 4.25
C HIS A 20 -7.06 -1.14 5.63
N MET A 21 -5.96 -1.08 6.36
CA MET A 21 -5.96 -1.51 7.77
C MET A 21 -6.99 -0.77 8.65
N ALA A 22 -7.07 0.56 8.48
CA ALA A 22 -8.03 1.41 9.17
C ALA A 22 -9.49 1.03 8.79
N ASN A 23 -9.74 0.85 7.47
CA ASN A 23 -11.05 0.35 6.98
C ASN A 23 -11.47 -0.95 7.64
N GLY A 24 -10.56 -1.94 7.73
CA GLY A 24 -10.89 -3.19 8.39
C GLY A 24 -11.21 -2.98 9.88
N LYS A 25 -10.38 -2.20 10.57
CA LYS A 25 -10.64 -1.91 12.00
C LYS A 25 -12.01 -1.25 12.22
N ASP A 26 -12.27 -0.22 11.42
CA ASP A 26 -13.48 0.57 11.51
C ASP A 26 -14.75 -0.27 11.24
N THR A 27 -14.68 -1.15 10.24
CA THR A 27 -15.86 -1.93 9.81
C THR A 27 -16.03 -3.29 10.52
N GLY A 28 -15.07 -3.63 11.37
CA GLY A 28 -15.09 -4.88 12.13
C GLY A 28 -14.80 -6.12 11.30
N LYS A 29 -14.10 -5.94 10.17
CA LYS A 29 -13.82 -7.07 9.31
C LYS A 29 -12.48 -7.69 9.65
N LEU A 30 -12.39 -9.00 9.56
CA LEU A 30 -11.10 -9.70 9.57
C LEU A 30 -10.23 -9.23 8.40
N VAL A 31 -8.96 -8.92 8.68
CA VAL A 31 -7.98 -8.55 7.64
C VAL A 31 -6.88 -9.64 7.61
N ILE A 32 -6.58 -10.13 6.40
CA ILE A 32 -5.55 -11.14 6.25
C ILE A 32 -4.45 -10.56 5.35
N ILE A 33 -3.24 -10.45 5.90
CA ILE A 33 -2.11 -9.94 5.12
C ILE A 33 -1.18 -11.03 4.63
N ASP A 34 -0.95 -11.07 3.33
CA ASP A 34 0.04 -11.99 2.77
C ASP A 34 1.38 -11.22 2.60
N PHE A 35 2.31 -11.51 3.50
CA PHE A 35 3.69 -10.99 3.38
C PHE A 35 4.51 -11.89 2.46
N THR A 36 4.85 -11.34 1.31
CA THR A 36 5.29 -12.14 0.17
C THR A 36 6.51 -11.48 -0.48
N ALA A 37 7.15 -12.19 -1.41
CA ALA A 37 8.23 -11.61 -2.19
C ALA A 37 8.24 -12.20 -3.58
N SER A 38 8.70 -11.41 -4.55
CA SER A 38 8.75 -11.85 -5.94
C SER A 38 9.79 -12.94 -6.21
N TRP A 39 10.80 -13.02 -5.33
CA TRP A 39 11.90 -14.00 -5.44
C TRP A 39 11.54 -15.35 -4.84
N CYS A 40 10.36 -15.39 -4.20
CA CYS A 40 9.97 -16.48 -3.34
C CYS A 40 9.08 -17.53 -4.04
N GLY A 41 9.67 -18.69 -4.32
CA GLY A 41 8.99 -19.85 -4.92
C GLY A 41 7.69 -20.25 -4.23
N PRO A 42 7.79 -20.59 -2.93
CA PRO A 42 6.60 -20.91 -2.13
C PRO A 42 5.51 -19.81 -2.19
N CYS A 43 5.93 -18.54 -2.18
CA CYS A 43 4.97 -17.43 -2.34
C CYS A 43 4.23 -17.47 -3.68
N ARG A 44 4.95 -17.76 -4.76
N ARG A 44 4.95 -17.77 -4.76
CA ARG A 44 4.35 -17.87 -6.10
CA ARG A 44 4.34 -17.86 -6.09
C ARG A 44 3.27 -18.94 -6.07
C ARG A 44 3.31 -18.98 -6.16
N VAL A 45 3.59 -20.09 -5.45
CA VAL A 45 2.66 -21.23 -5.36
C VAL A 45 1.33 -20.87 -4.63
N ILE A 46 1.44 -20.24 -3.47
CA ILE A 46 0.27 -19.88 -2.64
C ILE A 46 -0.50 -18.66 -3.23
N ALA A 47 0.14 -17.90 -4.14
CA ALA A 47 -0.47 -16.65 -4.62
C ALA A 47 -1.91 -16.80 -5.22
N PRO A 48 -2.09 -17.74 -6.19
CA PRO A 48 -3.44 -17.98 -6.77
C PRO A 48 -4.48 -18.51 -5.77
N VAL A 49 -4.05 -19.36 -4.82
CA VAL A 49 -4.90 -19.80 -3.69
C VAL A 49 -5.41 -18.65 -2.81
N PHE A 50 -4.52 -17.73 -2.46
CA PHE A 50 -4.88 -16.54 -1.63
C PHE A 50 -5.85 -15.66 -2.42
N ALA A 51 -5.59 -15.52 -3.72
CA ALA A 51 -6.49 -14.75 -4.60
C ALA A 51 -7.90 -15.41 -4.61
N GLU A 52 -7.92 -16.74 -4.60
CA GLU A 52 -9.21 -17.48 -4.62
C GLU A 52 -9.94 -17.31 -3.28
N TYR A 53 -9.19 -17.29 -2.17
CA TYR A 53 -9.82 -17.06 -0.85
C TYR A 53 -10.48 -15.69 -0.81
N ALA A 54 -9.88 -14.70 -1.45
CA ALA A 54 -10.42 -13.34 -1.46
C ALA A 54 -11.80 -13.33 -2.12
N LYS A 55 -11.96 -14.13 -3.18
CA LYS A 55 -13.23 -14.28 -3.89
C LYS A 55 -14.26 -15.03 -3.01
N LYS A 56 -13.78 -16.05 -2.27
CA LYS A 56 -14.67 -16.87 -1.49
C LYS A 56 -15.16 -16.18 -0.20
N PHE A 57 -14.39 -15.17 0.26
CA PHE A 57 -14.63 -14.46 1.52
C PHE A 57 -14.69 -12.94 1.27
N PRO A 58 -15.68 -12.49 0.49
CA PRO A 58 -15.86 -11.06 0.23
C PRO A 58 -16.09 -10.24 1.50
N GLY A 59 -16.48 -10.92 2.57
CA GLY A 59 -16.67 -10.30 3.89
C GLY A 59 -15.40 -10.00 4.71
N ALA A 60 -14.25 -10.45 4.23
CA ALA A 60 -12.95 -10.16 4.85
C ALA A 60 -12.07 -9.40 3.88
N ILE A 61 -11.01 -8.76 4.39
CA ILE A 61 -10.13 -7.93 3.60
C ILE A 61 -8.81 -8.65 3.41
N PHE A 62 -8.39 -8.82 2.15
CA PHE A 62 -7.16 -9.56 1.81
C PHE A 62 -6.11 -8.61 1.23
N LEU A 63 -5.03 -8.41 1.98
CA LEU A 63 -3.96 -7.48 1.60
C LEU A 63 -2.69 -8.26 1.22
N LYS A 64 -1.98 -7.76 0.20
CA LYS A 64 -0.68 -8.31 -0.12
C LYS A 64 0.39 -7.25 0.11
N VAL A 65 1.45 -7.65 0.79
CA VAL A 65 2.57 -6.74 1.11
C VAL A 65 3.86 -7.41 0.64
N ASP A 66 4.51 -6.80 -0.34
CA ASP A 66 5.79 -7.29 -0.79
C ASP A 66 6.83 -6.80 0.21
N VAL A 67 7.54 -7.74 0.85
CA VAL A 67 8.43 -7.41 1.95
C VAL A 67 9.64 -6.53 1.55
N ASP A 68 9.99 -6.52 0.26
CA ASP A 68 11.10 -5.72 -0.22
C ASP A 68 10.63 -4.33 -0.62
N GLU A 69 9.32 -4.14 -0.70
CA GLU A 69 8.74 -2.86 -1.03
C GLU A 69 8.42 -2.11 0.27
N LEU A 70 7.85 -2.80 1.23
CA LEU A 70 7.49 -2.21 2.53
C LEU A 70 8.36 -2.84 3.61
N LYS A 71 9.65 -2.48 3.61
CA LYS A 71 10.61 -3.15 4.53
C LYS A 71 10.26 -2.82 5.97
N ASP A 72 9.74 -1.60 6.20
CA ASP A 72 9.37 -1.15 7.54
C ASP A 72 8.14 -1.89 8.08
N VAL A 73 7.16 -2.15 7.22
CA VAL A 73 5.96 -2.90 7.61
C VAL A 73 6.32 -4.38 7.94
N ALA A 74 7.07 -5.03 7.05
CA ALA A 74 7.58 -6.39 7.33
C ALA A 74 8.33 -6.50 8.68
N GLU A 75 9.23 -5.54 8.96
CA GLU A 75 9.97 -5.50 10.21
C GLU A 75 9.02 -5.35 11.40
N ALA A 76 8.06 -4.44 11.28
CA ALA A 76 7.07 -4.17 12.35
C ALA A 76 6.29 -5.44 12.75
N TYR A 77 6.06 -6.33 11.78
CA TYR A 77 5.35 -7.57 11.99
C TYR A 77 6.28 -8.78 12.22
N ASN A 78 7.57 -8.49 12.36
CA ASN A 78 8.60 -9.50 12.65
C ASN A 78 8.56 -10.65 11.65
N VAL A 79 8.48 -10.29 10.38
CA VAL A 79 8.33 -11.28 9.35
C VAL A 79 9.71 -11.97 9.15
N GLU A 80 9.79 -13.25 9.47
CA GLU A 80 11.08 -14.00 9.44
C GLU A 80 11.10 -15.28 8.58
N ALA A 81 10.01 -15.52 7.85
CA ALA A 81 9.92 -16.57 6.85
C ALA A 81 8.91 -16.18 5.79
N MET A 82 9.10 -16.70 4.58
N MET A 82 9.10 -16.65 4.56
CA MET A 82 8.27 -16.32 3.43
CA MET A 82 8.21 -16.25 3.47
C MET A 82 7.57 -17.51 2.78
C MET A 82 7.57 -17.44 2.76
N PRO A 83 6.24 -17.41 2.55
CA PRO A 83 5.33 -16.30 2.92
C PRO A 83 4.95 -16.40 4.39
N THR A 84 4.50 -15.29 4.97
CA THR A 84 3.86 -15.28 6.28
C THR A 84 2.52 -14.57 6.12
N PHE A 85 1.47 -15.21 6.61
CA PHE A 85 0.12 -14.64 6.65
C PHE A 85 -0.23 -14.21 8.04
N LEU A 86 -0.57 -12.92 8.16
CA LEU A 86 -1.00 -12.45 9.46
C LEU A 86 -2.50 -12.17 9.45
N PHE A 87 -3.16 -12.48 10.56
CA PHE A 87 -4.59 -12.24 10.73
C PHE A 87 -4.78 -11.12 11.73
N ILE A 88 -5.47 -10.08 11.29
CA ILE A 88 -5.71 -8.88 12.12
C ILE A 88 -7.21 -8.70 12.39
N LYS A 89 -7.53 -8.45 13.66
CA LYS A 89 -8.91 -8.17 14.04
C LYS A 89 -9.00 -7.09 15.13
N ASP A 90 -9.85 -6.09 14.90
CA ASP A 90 -9.91 -4.94 15.81
C ASP A 90 -8.53 -4.29 16.11
N GLY A 91 -7.71 -4.09 15.08
CA GLY A 91 -6.42 -3.42 15.27
C GLY A 91 -5.26 -4.29 15.72
N GLU A 92 -5.50 -5.55 16.06
CA GLU A 92 -4.47 -6.36 16.68
C GLU A 92 -4.24 -7.65 15.93
N LYS A 93 -2.99 -8.11 15.93
CA LYS A 93 -2.69 -9.44 15.47
C LYS A 93 -3.45 -10.44 16.34
N VAL A 94 -4.14 -11.38 15.68
CA VAL A 94 -4.87 -12.44 16.37
C VAL A 94 -4.42 -13.84 15.95
N ASP A 95 -3.73 -13.94 14.80
CA ASP A 95 -3.20 -15.26 14.40
C ASP A 95 -2.20 -15.09 13.26
N SER A 96 -1.54 -16.20 12.93
CA SER A 96 -0.57 -16.19 11.83
C SER A 96 -0.42 -17.60 11.26
N VAL A 97 -0.02 -17.65 9.99
CA VAL A 97 0.39 -18.91 9.34
C VAL A 97 1.74 -18.63 8.70
N VAL A 98 2.72 -19.45 9.02
CA VAL A 98 4.02 -19.28 8.41
C VAL A 98 4.20 -20.37 7.34
N GLY A 99 4.44 -19.94 6.10
CA GLY A 99 4.42 -20.86 4.96
C GLY A 99 3.09 -20.91 4.21
N GLY A 100 3.13 -21.53 3.03
CA GLY A 100 1.97 -21.66 2.14
C GLY A 100 1.10 -22.84 2.55
N ARG A 101 0.59 -22.76 3.77
CA ARG A 101 -0.18 -23.86 4.34
C ARG A 101 -1.65 -23.61 3.98
N LYS A 102 -2.05 -24.13 2.81
CA LYS A 102 -3.37 -23.85 2.24
C LYS A 102 -4.52 -24.14 3.18
N ASP A 103 -4.56 -25.36 3.71
CA ASP A 103 -5.70 -25.74 4.54
C ASP A 103 -5.78 -24.93 5.82
N ASP A 104 -4.63 -24.75 6.48
CA ASP A 104 -4.49 -23.94 7.71
C ASP A 104 -5.06 -22.52 7.50
N ILE A 105 -4.72 -21.92 6.35
CA ILE A 105 -5.21 -20.58 6.02
C ILE A 105 -6.73 -20.55 5.93
N HIS A 106 -7.32 -21.50 5.20
CA HIS A 106 -8.79 -21.59 5.08
C HIS A 106 -9.44 -21.79 6.47
N THR A 107 -8.93 -22.76 7.21
CA THR A 107 -9.44 -23.04 8.56
C THR A 107 -9.50 -21.79 9.45
N LYS A 108 -8.41 -21.02 9.47
CA LYS A 108 -8.33 -19.84 10.36
C LYS A 108 -9.25 -18.72 9.89
N ILE A 109 -9.38 -18.54 8.57
CA ILE A 109 -10.34 -17.56 8.04
C ILE A 109 -11.76 -17.86 8.53
N VAL A 110 -12.18 -19.12 8.39
CA VAL A 110 -13.54 -19.50 8.71
C VAL A 110 -13.74 -19.32 10.23
N ALA A 111 -12.77 -19.79 11.02
CA ALA A 111 -12.87 -19.74 12.50
C ALA A 111 -12.91 -18.30 13.03
N LEU A 112 -12.04 -17.44 12.52
CA LEU A 112 -11.91 -16.07 13.00
C LEU A 112 -13.04 -15.17 12.52
N MET A 113 -13.61 -15.46 11.36
CA MET A 113 -14.72 -14.63 10.85
C MET A 113 -15.99 -14.72 11.67
N GLY A 114 -16.25 -15.89 12.24
CA GLY A 114 -17.46 -16.12 13.03
C GLY A 114 -18.71 -16.03 12.17
N SER A 115 -18.79 -16.74 11.15
N GLY B 6 -14.26 19.68 -15.87
CA GLY B 6 -13.76 19.76 -17.30
C GLY B 6 -13.47 21.17 -17.79
N ALA B 7 -12.71 21.90 -16.99
CA ALA B 7 -12.31 23.26 -17.30
C ALA B 7 -10.79 23.40 -17.32
N VAL B 8 -10.29 24.38 -18.09
CA VAL B 8 -8.85 24.70 -18.09
C VAL B 8 -8.57 25.54 -16.86
N ILE B 9 -7.57 25.14 -16.09
CA ILE B 9 -7.23 25.82 -14.84
C ILE B 9 -6.01 26.73 -15.05
N ALA B 10 -6.21 28.05 -14.91
CA ALA B 10 -5.11 29.00 -14.99
C ALA B 10 -4.29 28.99 -13.70
N CYS B 11 -3.01 28.64 -13.82
CA CYS B 11 -2.10 28.64 -12.67
C CYS B 11 -1.28 29.92 -12.68
N HIS B 12 -1.69 30.87 -11.84
CA HIS B 12 -1.07 32.19 -11.81
C HIS B 12 0.11 32.31 -10.86
N THR B 13 0.20 31.36 -9.91
CA THR B 13 1.32 31.32 -8.98
C THR B 13 1.93 29.94 -9.06
N LYS B 14 3.20 29.88 -8.70
CA LYS B 14 3.97 28.63 -8.64
C LYS B 14 3.29 27.62 -7.70
N GLN B 15 2.76 28.11 -6.58
N GLN B 15 2.77 28.14 -6.58
CA GLN B 15 2.07 27.22 -5.64
CA GLN B 15 2.02 27.33 -5.60
C GLN B 15 0.78 26.66 -6.20
C GLN B 15 0.82 26.68 -6.23
N GLU B 16 -0.02 27.49 -6.90
CA GLU B 16 -1.19 26.97 -7.64
C GLU B 16 -0.81 25.84 -8.58
N PHE B 17 0.22 26.08 -9.41
CA PHE B 17 0.78 25.08 -10.31
C PHE B 17 1.16 23.77 -9.57
N ASP B 18 1.98 23.91 -8.53
CA ASP B 18 2.42 22.74 -7.75
C ASP B 18 1.26 21.99 -7.12
N THR B 19 0.25 22.73 -6.65
CA THR B 19 -0.93 22.11 -6.00
C THR B 19 -1.66 21.19 -6.99
N HIS B 20 -1.92 21.71 -8.20
CA HIS B 20 -2.62 20.96 -9.21
C HIS B 20 -1.76 19.79 -9.75
N MET B 21 -0.46 20.03 -9.94
CA MET B 21 0.47 18.96 -10.34
C MET B 21 0.47 17.83 -9.32
N ALA B 22 0.56 18.18 -8.04
CA ALA B 22 0.54 17.18 -6.95
C ALA B 22 -0.80 16.44 -6.92
N ASN B 23 -1.89 17.19 -7.08
CA ASN B 23 -3.23 16.56 -7.20
C ASN B 23 -3.31 15.54 -8.34
N GLY B 24 -2.82 15.90 -9.54
CA GLY B 24 -2.83 14.94 -10.66
C GLY B 24 -2.02 13.70 -10.32
N LYS B 25 -0.79 13.90 -9.81
CA LYS B 25 0.07 12.75 -9.45
C LYS B 25 -0.58 11.85 -8.37
N ASP B 26 -1.18 12.49 -7.37
CA ASP B 26 -1.75 11.76 -6.25
C ASP B 26 -3.02 10.97 -6.63
N THR B 27 -3.65 11.42 -7.72
CA THR B 27 -4.91 10.82 -8.20
C THR B 27 -4.74 10.02 -9.50
N GLY B 28 -3.49 9.88 -9.96
CA GLY B 28 -3.16 9.10 -11.16
C GLY B 28 -3.73 9.63 -12.45
N LYS B 29 -3.91 10.95 -12.51
CA LYS B 29 -4.44 11.63 -13.65
C LYS B 29 -3.33 12.16 -14.54
N LEU B 30 -3.62 12.17 -15.84
CA LEU B 30 -2.81 12.83 -16.82
C LEU B 30 -3.02 14.33 -16.63
N VAL B 31 -1.90 15.06 -16.60
CA VAL B 31 -1.94 16.54 -16.57
C VAL B 31 -1.40 17.03 -17.92
N ILE B 32 -2.07 18.00 -18.52
CA ILE B 32 -1.59 18.61 -19.75
C ILE B 32 -1.40 20.11 -19.48
N ILE B 33 -0.19 20.62 -19.74
CA ILE B 33 0.12 22.02 -19.50
C ILE B 33 0.24 22.75 -20.82
N ASP B 34 -0.54 23.82 -20.94
CA ASP B 34 -0.50 24.71 -22.08
C ASP B 34 0.30 25.97 -21.65
N PHE B 35 1.48 26.11 -22.25
CA PHE B 35 2.32 27.29 -22.04
C PHE B 35 1.98 28.38 -23.06
N THR B 36 1.52 29.51 -22.53
CA THR B 36 0.93 30.59 -23.31
C THR B 36 1.58 31.96 -22.99
N ALA B 37 1.17 33.00 -23.72
CA ALA B 37 1.54 34.38 -23.43
C ALA B 37 0.54 35.36 -24.06
N SER B 38 0.47 36.56 -23.48
CA SER B 38 -0.44 37.61 -23.96
C SER B 38 -0.13 38.07 -25.39
N TRP B 39 1.16 37.99 -25.75
CA TRP B 39 1.71 38.47 -27.04
C TRP B 39 1.72 37.37 -28.12
N CYS B 40 1.28 36.17 -27.77
CA CYS B 40 1.40 35.02 -28.69
C CYS B 40 0.13 34.76 -29.49
N GLY B 41 0.12 35.24 -30.73
CA GLY B 41 -1.01 35.07 -31.63
C GLY B 41 -1.38 33.59 -31.84
N PRO B 42 -0.40 32.73 -32.17
CA PRO B 42 -0.69 31.28 -32.36
C PRO B 42 -1.29 30.62 -31.10
N CYS B 43 -0.87 31.10 -29.93
CA CYS B 43 -1.40 30.62 -28.65
C CYS B 43 -2.90 30.95 -28.49
N ARG B 44 -3.24 32.19 -28.81
CA ARG B 44 -4.63 32.64 -28.76
C ARG B 44 -5.52 31.90 -29.74
N VAL B 45 -5.01 31.58 -30.94
CA VAL B 45 -5.77 30.84 -31.94
C VAL B 45 -6.17 29.46 -31.39
N ILE B 46 -5.25 28.78 -30.72
CA ILE B 46 -5.47 27.41 -30.27
C ILE B 46 -6.14 27.35 -28.89
N ALA B 47 -6.17 28.47 -28.16
CA ALA B 47 -6.80 28.44 -26.83
C ALA B 47 -8.23 27.79 -26.77
N PRO B 48 -9.19 28.22 -27.65
CA PRO B 48 -10.53 27.60 -27.68
C PRO B 48 -10.53 26.08 -27.85
N VAL B 49 -9.58 25.56 -28.65
CA VAL B 49 -9.44 24.12 -28.91
C VAL B 49 -8.93 23.40 -27.67
N PHE B 50 -7.99 24.02 -26.96
CA PHE B 50 -7.50 23.48 -25.68
C PHE B 50 -8.65 23.44 -24.66
N ALA B 51 -9.46 24.49 -24.62
CA ALA B 51 -10.61 24.52 -23.74
C ALA B 51 -11.65 23.43 -24.12
N GLU B 52 -11.80 23.17 -25.42
CA GLU B 52 -12.67 22.10 -25.91
C GLU B 52 -12.14 20.72 -25.45
N TYR B 53 -10.83 20.50 -25.57
CA TYR B 53 -10.26 19.23 -25.09
C TYR B 53 -10.53 19.02 -23.59
N ALA B 54 -10.51 20.10 -22.81
CA ALA B 54 -10.74 20.01 -21.34
C ALA B 54 -12.12 19.45 -21.03
N LYS B 55 -13.12 19.87 -21.82
N LYS B 55 -13.12 19.87 -21.82
CA LYS B 55 -14.49 19.35 -21.70
CA LYS B 55 -14.50 19.38 -21.68
C LYS B 55 -14.60 17.93 -22.21
C LYS B 55 -14.65 17.96 -22.25
N LYS B 56 -13.90 17.63 -23.30
CA LYS B 56 -13.96 16.27 -23.90
C LYS B 56 -13.34 15.21 -22.97
N PHE B 57 -12.37 15.62 -22.14
CA PHE B 57 -11.58 14.72 -21.33
C PHE B 57 -11.62 15.18 -19.85
N PRO B 58 -12.81 15.12 -19.22
CA PRO B 58 -12.95 15.60 -17.84
C PRO B 58 -12.11 14.77 -16.85
N GLY B 59 -11.67 13.57 -17.24
CA GLY B 59 -10.83 12.75 -16.36
C GLY B 59 -9.35 13.16 -16.30
N ALA B 60 -9.00 14.17 -17.10
CA ALA B 60 -7.62 14.68 -17.17
C ALA B 60 -7.60 16.14 -16.74
N ILE B 61 -6.45 16.57 -16.20
CA ILE B 61 -6.29 17.94 -15.69
C ILE B 61 -5.60 18.81 -16.72
N PHE B 62 -6.26 19.91 -17.11
CA PHE B 62 -5.73 20.84 -18.10
C PHE B 62 -5.30 22.17 -17.41
N LEU B 63 -4.00 22.45 -17.47
CA LEU B 63 -3.41 23.63 -16.83
C LEU B 63 -2.91 24.64 -17.85
N LYS B 64 -3.06 25.92 -17.51
CA LYS B 64 -2.61 26.99 -18.40
C LYS B 64 -1.56 27.83 -17.63
N VAL B 65 -0.36 27.92 -18.21
CA VAL B 65 0.73 28.68 -17.55
C VAL B 65 1.23 29.82 -18.45
N ASP B 66 1.21 31.04 -17.91
CA ASP B 66 1.69 32.19 -18.66
C ASP B 66 3.22 32.25 -18.46
N VAL B 67 3.95 32.19 -19.57
CA VAL B 67 5.43 32.10 -19.52
C VAL B 67 6.13 33.33 -18.95
N ASP B 68 5.48 34.49 -19.06
CA ASP B 68 5.97 35.72 -18.47
C ASP B 68 5.68 35.79 -16.98
N GLU B 69 4.52 35.29 -16.57
CA GLU B 69 4.11 35.27 -15.18
C GLU B 69 4.92 34.28 -14.33
N LEU B 70 5.12 33.07 -14.83
CA LEU B 70 5.91 32.03 -14.14
C LEU B 70 7.16 31.69 -14.98
N LYS B 71 8.13 32.60 -14.97
CA LYS B 71 9.34 32.42 -15.79
C LYS B 71 10.13 31.20 -15.32
N ASP B 72 10.07 30.94 -14.01
CA ASP B 72 10.78 29.79 -13.41
C ASP B 72 10.20 28.44 -13.84
N VAL B 73 8.88 28.35 -13.93
CA VAL B 73 8.20 27.14 -14.43
C VAL B 73 8.54 26.93 -15.91
N ALA B 74 8.40 27.99 -16.72
CA ALA B 74 8.80 27.94 -18.13
C ALA B 74 10.25 27.45 -18.31
N GLU B 75 11.19 28.03 -17.55
CA GLU B 75 12.62 27.64 -17.61
C GLU B 75 12.79 26.17 -17.21
N ALA B 76 12.14 25.79 -16.10
CA ALA B 76 12.23 24.42 -15.60
C ALA B 76 11.82 23.40 -16.67
N TYR B 77 10.87 23.78 -17.53
CA TYR B 77 10.36 22.89 -18.58
C TYR B 77 11.01 23.15 -19.94
N ASN B 78 12.05 24.00 -19.94
CA ASN B 78 12.83 24.31 -21.17
C ASN B 78 11.92 24.78 -22.29
N VAL B 79 10.96 25.64 -21.97
CA VAL B 79 10.05 26.13 -23.01
C VAL B 79 10.84 27.04 -23.95
N GLU B 80 10.93 26.63 -25.21
CA GLU B 80 11.74 27.32 -26.22
C GLU B 80 11.00 27.68 -27.51
N ALA B 81 9.72 27.32 -27.53
CA ALA B 81 8.79 27.62 -28.64
C ALA B 81 7.38 27.82 -28.06
N MET B 82 6.54 28.55 -28.77
CA MET B 82 5.18 28.85 -28.32
C MET B 82 4.18 28.63 -29.45
N PRO B 83 3.04 27.99 -29.16
CA PRO B 83 2.72 27.36 -27.86
C PRO B 83 3.57 26.09 -27.66
N THR B 84 3.76 25.72 -26.40
CA THR B 84 4.23 24.39 -26.03
C THR B 84 3.20 23.70 -25.09
N PHE B 85 2.91 22.42 -25.37
CA PHE B 85 2.01 21.57 -24.56
C PHE B 85 2.83 20.43 -23.97
N LEU B 86 2.80 20.31 -22.64
CA LEU B 86 3.51 19.20 -22.01
C LEU B 86 2.50 18.21 -21.43
N PHE B 87 2.88 16.95 -21.44
CA PHE B 87 2.01 15.86 -20.99
C PHE B 87 2.75 15.20 -19.82
N ILE B 88 2.07 15.21 -18.68
CA ILE B 88 2.65 14.76 -17.41
C ILE B 88 1.89 13.55 -16.89
N LYS B 89 2.61 12.46 -16.60
CA LYS B 89 2.00 11.29 -15.98
C LYS B 89 2.88 10.89 -14.81
N ASP B 90 2.22 10.61 -13.68
CA ASP B 90 2.85 10.76 -12.37
C ASP B 90 3.22 12.26 -12.21
N GLU B 92 5.98 13.30 -13.78
CA GLU B 92 7.02 13.52 -14.79
C GLU B 92 6.52 13.67 -16.24
N LYS B 93 7.31 14.41 -17.00
CA LYS B 93 7.03 14.67 -18.41
C LYS B 93 7.14 13.38 -19.23
N VAL B 94 6.08 13.06 -19.97
CA VAL B 94 6.09 11.84 -20.83
C VAL B 94 6.02 12.16 -22.34
N ASP B 95 5.55 13.37 -22.68
CA ASP B 95 5.44 13.80 -24.09
C ASP B 95 5.31 15.32 -24.16
N SER B 96 5.40 15.84 -25.40
CA SER B 96 5.25 17.24 -25.67
C SER B 96 4.75 17.47 -27.08
N VAL B 97 4.12 18.62 -27.28
CA VAL B 97 3.72 19.06 -28.60
C VAL B 97 4.16 20.53 -28.66
N VAL B 98 4.91 20.89 -29.70
CA VAL B 98 5.35 22.28 -29.86
C VAL B 98 4.61 22.88 -31.05
N GLY B 99 4.10 24.09 -30.88
CA GLY B 99 3.30 24.74 -31.90
C GLY B 99 1.85 24.32 -31.80
N GLY B 100 1.01 24.97 -32.63
CA GLY B 100 -0.43 24.72 -32.62
C GLY B 100 -0.85 23.50 -33.41
N ARG B 101 -0.26 22.35 -33.06
CA ARG B 101 -0.52 21.05 -33.69
C ARG B 101 -1.77 20.40 -33.07
N LYS B 102 -2.94 21.00 -33.32
CA LYS B 102 -4.22 20.62 -32.68
C LYS B 102 -4.52 19.10 -32.66
N ASP B 103 -4.26 18.45 -33.79
CA ASP B 103 -4.58 17.03 -34.02
C ASP B 103 -3.68 16.05 -33.24
N ASP B 104 -2.38 16.34 -33.15
CA ASP B 104 -1.43 15.55 -32.35
C ASP B 104 -1.76 15.64 -30.84
N ILE B 105 -2.28 16.78 -30.41
CA ILE B 105 -2.69 16.93 -29.00
C ILE B 105 -3.80 15.91 -28.69
N HIS B 106 -4.79 15.86 -29.58
CA HIS B 106 -5.93 14.96 -29.36
C HIS B 106 -5.44 13.52 -29.36
N THR B 107 -4.62 13.17 -30.35
CA THR B 107 -4.09 11.82 -30.45
C THR B 107 -3.38 11.37 -29.18
N LYS B 108 -2.48 12.23 -28.67
CA LYS B 108 -1.67 11.87 -27.51
C LYS B 108 -2.53 11.75 -26.28
N ILE B 109 -3.50 12.65 -26.13
CA ILE B 109 -4.43 12.53 -24.97
C ILE B 109 -5.22 11.22 -25.01
N VAL B 110 -5.82 10.88 -26.16
CA VAL B 110 -6.57 9.61 -26.27
C VAL B 110 -5.68 8.45 -25.84
N ALA B 111 -4.47 8.42 -26.38
CA ALA B 111 -3.50 7.33 -26.13
C ALA B 111 -3.16 7.23 -24.64
N LEU B 112 -2.88 8.38 -24.02
CA LEU B 112 -2.45 8.45 -22.63
C LEU B 112 -3.58 8.17 -21.63
N MET B 113 -4.82 8.46 -22.03
CA MET B 113 -6.02 8.12 -21.25
C MET B 113 -6.34 6.61 -21.34
N GLY B 114 -6.05 5.98 -22.36
N GLY C 6 -2.69 23.66 8.82
CA GLY C 6 -3.66 22.56 9.22
C GLY C 6 -4.35 22.89 10.54
N ALA C 7 -5.35 23.76 10.48
CA ALA C 7 -6.11 24.19 11.65
C ALA C 7 -7.61 23.93 11.50
N VAL C 8 -8.31 23.87 12.63
CA VAL C 8 -9.77 23.76 12.62
C VAL C 8 -10.27 25.10 12.08
N ILE C 9 -11.29 25.05 11.23
CA ILE C 9 -11.92 26.26 10.71
C ILE C 9 -13.33 26.45 11.31
N ALA C 10 -13.49 27.50 12.11
CA ALA C 10 -14.77 27.84 12.70
C ALA C 10 -15.60 28.59 11.65
N CYS C 11 -16.68 27.94 11.20
CA CYS C 11 -17.54 28.48 10.18
C CYS C 11 -18.71 29.16 10.88
N HIS C 12 -18.69 30.49 10.80
CA HIS C 12 -19.67 31.31 11.53
C HIS C 12 -20.83 31.71 10.64
N THR C 13 -20.67 31.50 9.34
CA THR C 13 -21.77 31.72 8.39
C THR C 13 -22.04 30.50 7.52
N LYS C 14 -23.28 30.41 7.05
CA LYS C 14 -23.70 29.45 6.06
C LYS C 14 -22.80 29.59 4.81
N GLN C 15 -22.52 30.83 4.41
CA GLN C 15 -21.59 31.09 3.28
C GLN C 15 -20.15 30.55 3.48
N GLU C 16 -19.58 30.71 4.67
CA GLU C 16 -18.22 30.18 4.94
C GLU C 16 -18.23 28.65 4.95
N PHE C 17 -19.25 28.08 5.58
CA PHE C 17 -19.47 26.62 5.59
C PHE C 17 -19.55 26.08 4.16
N ASP C 18 -20.40 26.70 3.34
CA ASP C 18 -20.59 26.26 1.94
C ASP C 18 -19.29 26.37 1.11
N THR C 19 -18.57 27.47 1.25
CA THR C 19 -17.30 27.66 0.55
C THR C 19 -16.30 26.54 0.91
N HIS C 20 -16.13 26.26 2.21
CA HIS C 20 -15.18 25.23 2.62
C HIS C 20 -15.61 23.83 2.17
N MET C 21 -16.92 23.58 2.22
CA MET C 21 -17.47 22.30 1.77
C MET C 21 -17.24 22.11 0.25
N ALA C 22 -17.46 23.19 -0.51
CA ALA C 22 -17.23 23.20 -1.94
C ALA C 22 -15.75 23.01 -2.27
N ASN C 23 -14.86 23.66 -1.49
CA ASN C 23 -13.41 23.50 -1.65
C ASN C 23 -13.00 22.04 -1.49
N GLY C 24 -13.54 21.40 -0.46
CA GLY C 24 -13.25 19.98 -0.21
C GLY C 24 -13.78 19.04 -1.28
N LYS C 25 -14.99 19.29 -1.76
CA LYS C 25 -15.50 18.51 -2.88
C LYS C 25 -14.63 18.70 -4.15
N ASP C 26 -14.29 19.95 -4.46
CA ASP C 26 -13.51 20.31 -5.65
C ASP C 26 -12.11 19.71 -5.64
N THR C 27 -11.52 19.54 -4.46
CA THR C 27 -10.13 19.09 -4.36
C THR C 27 -10.05 17.63 -3.92
N GLY C 28 -11.21 16.98 -3.84
CA GLY C 28 -11.29 15.55 -3.48
C GLY C 28 -10.83 15.24 -2.08
N LYS C 29 -11.11 16.16 -1.14
CA LYS C 29 -10.68 15.96 0.25
C LYS C 29 -11.83 15.48 1.14
N LEU C 30 -11.44 14.73 2.17
CA LEU C 30 -12.32 14.44 3.29
C LEU C 30 -12.54 15.74 4.06
N VAL C 31 -13.78 15.99 4.41
CA VAL C 31 -14.14 17.08 5.32
C VAL C 31 -14.75 16.47 6.62
N ILE C 32 -14.28 16.90 7.78
CA ILE C 32 -14.83 16.45 9.06
C ILE C 32 -15.41 17.68 9.76
N ILE C 33 -16.70 17.61 10.06
CA ILE C 33 -17.39 18.70 10.70
C ILE C 33 -17.65 18.33 12.16
N ASP C 34 -17.22 19.20 13.07
CA ASP C 34 -17.60 19.06 14.50
C ASP C 34 -18.82 19.96 14.78
N PHE C 35 -19.99 19.34 14.96
CA PHE C 35 -21.19 20.06 15.37
C PHE C 35 -21.21 20.13 16.89
N THR C 36 -21.09 21.33 17.44
CA THR C 36 -20.96 21.50 18.88
C THR C 36 -21.71 22.76 19.34
N ALA C 37 -21.55 23.14 20.61
CA ALA C 37 -22.22 24.36 21.08
C ALA C 37 -21.37 24.99 22.17
N SER C 38 -21.37 26.31 22.23
CA SER C 38 -20.60 27.06 23.20
C SER C 38 -21.01 26.72 24.64
N TRP C 39 -22.28 26.41 24.86
CA TRP C 39 -22.80 26.13 26.22
C TRP C 39 -22.49 24.73 26.67
N CYS C 40 -22.01 23.90 25.74
CA CYS C 40 -21.92 22.47 25.97
C CYS C 40 -20.61 22.06 26.66
N GLY C 41 -20.73 21.87 27.98
CA GLY C 41 -19.63 21.37 28.82
C GLY C 41 -19.01 20.06 28.40
N PRO C 42 -19.82 18.96 28.33
CA PRO C 42 -19.31 17.64 27.94
C PRO C 42 -18.51 17.61 26.62
N CYS C 43 -18.87 18.52 25.71
CA CYS C 43 -18.23 18.66 24.40
C CYS C 43 -16.74 19.04 24.48
N ARG C 44 -16.33 19.62 25.60
CA ARG C 44 -15.00 20.24 25.70
C ARG C 44 -13.87 19.22 25.90
N VAL C 45 -14.20 18.02 26.36
CA VAL C 45 -13.22 16.93 26.46
C VAL C 45 -12.58 16.59 25.10
N ILE C 46 -13.42 16.29 24.10
CA ILE C 46 -12.98 15.93 22.75
C ILE C 46 -12.43 17.13 21.93
N ALA C 47 -12.72 18.36 22.35
CA ALA C 47 -12.37 19.54 21.56
C ALA C 47 -10.87 19.72 21.20
N PRO C 48 -9.97 19.63 22.20
CA PRO C 48 -8.53 19.71 21.84
C PRO C 48 -8.04 18.51 21.04
N VAL C 49 -8.73 17.36 21.14
CA VAL C 49 -8.39 16.18 20.31
C VAL C 49 -8.65 16.48 18.82
N PHE C 50 -9.79 17.12 18.54
CA PHE C 50 -10.19 17.51 17.20
C PHE C 50 -9.17 18.51 16.58
N ALA C 51 -8.70 19.46 17.40
CA ALA C 51 -7.64 20.39 16.97
C ALA C 51 -6.32 19.65 16.76
N GLU C 52 -6.03 18.69 17.63
CA GLU C 52 -4.86 17.85 17.41
C GLU C 52 -4.90 17.07 16.08
N TYR C 53 -6.05 16.49 15.75
CA TYR C 53 -6.19 15.78 14.48
C TYR C 53 -6.05 16.71 13.28
N ALA C 54 -6.66 17.90 13.33
CA ALA C 54 -6.49 18.86 12.24
C ALA C 54 -5.02 19.12 11.88
N LYS C 55 -4.17 19.22 12.90
CA LYS C 55 -2.73 19.48 12.70
C LYS C 55 -2.05 18.26 12.08
N LYS C 56 -2.47 17.08 12.53
CA LYS C 56 -1.85 15.82 12.13
C LYS C 56 -2.26 15.40 10.72
N PHE C 57 -3.42 15.91 10.26
CA PHE C 57 -3.98 15.54 8.96
C PHE C 57 -4.27 16.79 8.10
N PRO C 58 -3.21 17.46 7.58
CA PRO C 58 -3.44 18.70 6.80
C PRO C 58 -4.06 18.46 5.42
N GLY C 59 -3.98 17.23 4.91
CA GLY C 59 -4.64 16.82 3.64
C GLY C 59 -6.17 16.68 3.74
N ALA C 60 -6.71 16.83 4.94
CA ALA C 60 -8.16 16.85 5.15
C ALA C 60 -8.65 18.16 5.76
N ILE C 61 -9.92 18.50 5.57
CA ILE C 61 -10.45 19.79 6.03
C ILE C 61 -11.28 19.60 7.31
N PHE C 62 -10.95 20.36 8.35
CA PHE C 62 -11.65 20.22 9.65
C PHE C 62 -12.41 21.49 9.93
N LEU C 63 -13.74 21.35 10.03
CA LEU C 63 -14.63 22.50 10.26
C LEU C 63 -15.34 22.40 11.62
N LYS C 64 -15.64 23.54 12.22
CA LYS C 64 -16.38 23.55 13.48
C LYS C 64 -17.61 24.40 13.28
N VAL C 65 -18.77 23.87 13.64
CA VAL C 65 -20.05 24.51 13.46
C VAL C 65 -20.76 24.56 14.81
N ASP C 66 -21.09 25.76 15.24
CA ASP C 66 -21.88 25.93 16.46
C ASP C 66 -23.33 25.73 16.02
N VAL C 67 -23.98 24.70 16.59
CA VAL C 67 -25.39 24.38 16.28
C VAL C 67 -26.38 25.49 16.58
N ASP C 68 -26.08 26.35 17.55
CA ASP C 68 -26.96 27.52 17.82
C ASP C 68 -26.77 28.70 16.86
N GLU C 69 -25.53 28.89 16.38
CA GLU C 69 -25.22 29.96 15.42
C GLU C 69 -25.70 29.58 13.99
N LEU C 70 -25.43 28.34 13.56
CA LEU C 70 -26.00 27.82 12.28
C LEU C 70 -27.12 26.78 12.48
N LYS C 71 -28.27 27.26 12.93
CA LYS C 71 -29.42 26.36 13.17
C LYS C 71 -29.88 25.73 11.85
N ASP C 72 -29.73 26.48 10.75
CA ASP C 72 -30.03 25.97 9.41
C ASP C 72 -29.17 24.74 9.04
N VAL C 73 -27.87 24.87 9.21
CA VAL C 73 -26.90 23.83 8.85
C VAL C 73 -27.09 22.63 9.77
N ALA C 74 -27.29 22.88 11.05
CA ALA C 74 -27.53 21.78 12.00
C ALA C 74 -28.77 20.95 11.61
N GLU C 75 -29.86 21.64 11.28
CA GLU C 75 -31.10 20.97 10.85
C GLU C 75 -30.89 20.19 9.55
N ALA C 76 -30.17 20.80 8.61
CA ALA C 76 -29.95 20.21 7.29
C ALA C 76 -29.22 18.86 7.41
N TYR C 77 -28.34 18.75 8.41
CA TYR C 77 -27.56 17.52 8.68
C TYR C 77 -28.16 16.67 9.79
N ASN C 78 -29.39 17.00 10.21
CA ASN C 78 -30.15 16.21 11.20
C ASN C 78 -29.31 15.92 12.46
N VAL C 79 -28.75 16.96 13.03
CA VAL C 79 -27.89 16.79 14.19
C VAL C 79 -28.77 16.46 15.40
N GLU C 80 -28.50 15.33 16.04
CA GLU C 80 -29.33 14.85 17.16
C GLU C 80 -28.53 14.56 18.44
N ALA C 81 -27.30 15.05 18.50
CA ALA C 81 -26.38 14.82 19.60
C ALA C 81 -25.26 15.84 19.55
N MET C 82 -24.70 16.15 20.70
N MET C 82 -24.68 16.11 20.72
CA MET C 82 -23.52 17.01 20.72
CA MET C 82 -23.57 17.04 20.87
C MET C 82 -22.46 16.46 21.64
C MET C 82 -22.44 16.43 21.71
N PRO C 83 -21.20 16.47 21.19
CA PRO C 83 -20.86 16.81 19.82
C PRO C 83 -21.14 15.67 18.81
N THR C 84 -21.42 16.05 17.58
CA THR C 84 -21.50 15.11 16.47
C THR C 84 -20.40 15.44 15.44
N PHE C 85 -19.69 14.40 15.01
CA PHE C 85 -18.71 14.55 13.97
C PHE C 85 -19.21 13.89 12.71
N LEU C 86 -19.34 14.69 11.66
CA LEU C 86 -19.82 14.19 10.39
C LEU C 86 -18.66 14.12 9.43
N PHE C 87 -18.62 13.03 8.66
CA PHE C 87 -17.54 12.80 7.69
C PHE C 87 -18.10 12.92 6.28
N ILE C 88 -17.56 13.88 5.52
CA ILE C 88 -18.04 14.25 4.19
C ILE C 88 -16.98 13.89 3.12
N LYS C 89 -17.41 13.11 2.13
CA LYS C 89 -16.57 12.78 1.00
C LYS C 89 -17.35 13.01 -0.29
N ASP C 90 -16.70 13.68 -1.24
CA ASP C 90 -17.33 14.06 -2.51
C ASP C 90 -18.59 14.87 -2.24
N GLY C 91 -18.50 15.69 -1.18
CA GLY C 91 -19.59 16.61 -0.82
C GLY C 91 -20.79 15.98 -0.13
N GLU C 92 -20.74 14.66 0.11
CA GLU C 92 -21.86 13.90 0.69
C GLU C 92 -21.47 13.27 2.03
N LYS C 93 -22.39 13.23 2.98
CA LYS C 93 -22.09 12.56 4.24
C LYS C 93 -21.88 11.07 4.05
N VAL C 94 -20.76 10.57 4.57
CA VAL C 94 -20.45 9.13 4.45
C VAL C 94 -20.29 8.39 5.79
N ASP C 95 -20.16 9.14 6.89
CA ASP C 95 -20.08 8.53 8.22
C ASP C 95 -20.40 9.56 9.30
N SER C 96 -20.57 9.07 10.51
CA SER C 96 -20.75 9.92 11.69
C SER C 96 -20.28 9.22 12.96
N VAL C 97 -19.83 10.03 13.92
CA VAL C 97 -19.41 9.61 15.25
C VAL C 97 -20.11 10.52 16.24
N VAL C 98 -20.73 9.98 17.29
CA VAL C 98 -21.28 10.84 18.35
C VAL C 98 -20.44 10.83 19.64
N LYS C 102 -11.81 8.88 21.04
CA LYS C 102 -10.70 9.41 20.26
C LYS C 102 -10.40 8.50 19.07
N ASP C 103 -10.09 7.23 19.38
CA ASP C 103 -9.61 6.27 18.38
C ASP C 103 -10.58 6.01 17.24
N ASP C 104 -11.88 5.99 17.53
CA ASP C 104 -12.90 5.86 16.49
C ASP C 104 -12.76 6.94 15.40
N ILE C 105 -12.65 8.19 15.83
CA ILE C 105 -12.50 9.31 14.90
C ILE C 105 -11.17 9.16 14.10
N HIS C 106 -10.07 8.92 14.81
CA HIS C 106 -8.76 8.73 14.15
C HIS C 106 -8.78 7.66 13.06
N THR C 107 -9.33 6.49 13.40
CA THR C 107 -9.47 5.34 12.49
C THR C 107 -10.29 5.71 11.25
N LYS C 108 -11.41 6.38 11.48
CA LYS C 108 -12.23 6.87 10.39
C LYS C 108 -11.51 7.82 9.45
N ILE C 109 -10.71 8.71 10.02
CA ILE C 109 -9.95 9.68 9.22
C ILE C 109 -8.99 8.93 8.32
N VAL C 110 -8.19 8.06 8.91
CA VAL C 110 -7.21 7.28 8.14
C VAL C 110 -7.89 6.43 7.04
N ALA C 111 -8.99 5.77 7.39
CA ALA C 111 -9.76 4.97 6.43
C ALA C 111 -10.30 5.86 5.30
N LEU C 112 -10.96 6.96 5.66
CA LEU C 112 -11.68 7.75 4.65
C LEU C 112 -10.82 8.64 3.77
N MET C 113 -9.64 9.01 4.27
CA MET C 113 -8.70 9.78 3.47
C MET C 113 -8.11 9.00 2.29
N GLY C 114 -8.17 7.65 2.35
CA GLY C 114 -7.53 6.82 1.31
C GLY C 114 -6.02 6.98 1.27
N SER C 115 -5.45 6.91 0.05
CA SER C 115 -4.01 7.00 -0.15
C SER C 115 -3.72 7.37 -1.61
N ALA C 116 -2.55 7.99 -1.83
CA ALA C 116 -2.11 8.41 -3.16
C ALA C 116 -2.00 7.22 -4.11
N SER C 117 -2.29 7.47 -5.39
CA SER C 117 -2.48 6.39 -6.35
C SER C 117 -1.29 5.42 -6.54
N THR C 118 -1.70 4.18 -6.88
CA THR C 118 -0.96 2.90 -6.92
C THR C 118 -0.30 2.38 -5.65
N GLY D 6 32.10 -31.92 9.57
CA GLY D 6 32.30 -30.68 10.37
C GLY D 6 31.94 -29.41 9.63
N ALA D 7 31.50 -29.53 8.38
CA ALA D 7 31.24 -28.36 7.53
C ALA D 7 29.97 -28.54 6.68
N VAL D 8 29.29 -27.44 6.39
CA VAL D 8 28.14 -27.47 5.48
C VAL D 8 28.66 -27.80 4.06
N ILE D 9 27.97 -28.69 3.36
CA ILE D 9 28.22 -29.03 1.96
C ILE D 9 27.18 -28.28 1.11
N ALA D 10 27.64 -27.22 0.42
CA ALA D 10 26.77 -26.47 -0.53
C ALA D 10 26.72 -27.24 -1.84
N CYS D 11 25.56 -27.81 -2.15
CA CYS D 11 25.40 -28.66 -3.32
C CYS D 11 25.07 -27.76 -4.48
N HIS D 12 26.04 -27.66 -5.40
CA HIS D 12 25.93 -26.77 -6.57
C HIS D 12 25.46 -27.47 -7.87
N THR D 13 25.40 -28.80 -7.85
CA THR D 13 24.76 -29.58 -8.92
C THR D 13 23.79 -30.61 -8.34
N LYS D 14 22.83 -31.04 -9.15
CA LYS D 14 21.95 -32.14 -8.72
C LYS D 14 22.73 -33.42 -8.40
N GLN D 15 23.72 -33.75 -9.23
CA GLN D 15 24.56 -34.94 -8.96
C GLN D 15 25.25 -34.84 -7.58
N GLU D 16 25.75 -33.66 -7.23
CA GLU D 16 26.41 -33.47 -5.92
C GLU D 16 25.41 -33.73 -4.79
N PHE D 17 24.21 -33.17 -4.92
CA PHE D 17 23.13 -33.41 -3.95
C PHE D 17 22.78 -34.91 -3.81
N ASP D 18 22.50 -35.56 -4.95
CA ASP D 18 22.15 -36.99 -5.02
C ASP D 18 23.22 -37.92 -4.42
N THR D 19 24.48 -37.61 -4.68
CA THR D 19 25.60 -38.41 -4.21
C THR D 19 25.67 -38.33 -2.69
N HIS D 20 25.58 -37.11 -2.16
CA HIS D 20 25.55 -36.92 -0.71
C HIS D 20 24.32 -37.53 -0.05
N MET D 21 23.15 -37.43 -0.68
CA MET D 21 21.95 -38.06 -0.15
C MET D 21 22.09 -39.60 -0.06
N ALA D 22 22.60 -40.21 -1.12
CA ALA D 22 22.89 -41.65 -1.16
C ALA D 22 23.88 -42.02 -0.05
N ASN D 23 24.83 -41.13 0.22
CA ASN D 23 25.87 -41.41 1.21
C ASN D 23 25.23 -41.38 2.61
N GLY D 24 24.35 -40.40 2.82
CA GLY D 24 23.45 -40.39 3.98
C GLY D 24 22.69 -41.70 4.17
N LYS D 25 22.02 -42.19 3.11
CA LYS D 25 21.29 -43.47 3.20
C LYS D 25 22.23 -44.63 3.58
N ASP D 26 23.37 -44.68 2.90
CA ASP D 26 24.31 -45.80 3.09
C ASP D 26 24.95 -45.81 4.46
N THR D 27 25.24 -44.62 5.00
CA THR D 27 25.92 -44.50 6.31
C THR D 27 24.93 -44.60 7.49
N GLY D 28 23.66 -44.32 7.25
CA GLY D 28 22.67 -44.26 8.34
C GLY D 28 22.66 -42.94 9.11
N LYS D 29 23.48 -41.97 8.69
CA LYS D 29 23.60 -40.71 9.43
C LYS D 29 22.37 -39.86 9.16
N LEU D 30 22.01 -39.03 10.12
CA LEU D 30 21.06 -37.94 9.87
C LEU D 30 21.57 -36.94 8.82
N VAL D 31 20.67 -36.54 7.92
CA VAL D 31 20.95 -35.49 6.96
C VAL D 31 19.98 -34.35 7.25
N ILE D 32 20.54 -33.16 7.37
CA ILE D 32 19.72 -31.94 7.49
C ILE D 32 19.93 -31.10 6.25
N ILE D 33 18.84 -30.72 5.59
CA ILE D 33 18.93 -29.92 4.35
C ILE D 33 18.38 -28.51 4.60
N ASP D 34 19.23 -27.52 4.39
CA ASP D 34 18.83 -26.10 4.42
C ASP D 34 18.37 -25.72 3.01
N PHE D 35 17.07 -25.54 2.85
CA PHE D 35 16.52 -24.97 1.60
C PHE D 35 16.46 -23.47 1.69
N THR D 36 17.27 -22.84 0.84
CA THR D 36 17.63 -21.44 0.99
C THR D 36 17.66 -20.69 -0.37
N ALA D 37 17.80 -19.37 -0.32
CA ALA D 37 18.00 -18.57 -1.54
C ALA D 37 18.78 -17.30 -1.21
N SER D 38 19.64 -16.91 -2.15
CA SER D 38 20.46 -15.71 -2.02
C SER D 38 19.59 -14.46 -1.77
N TRP D 39 18.40 -14.42 -2.38
CA TRP D 39 17.46 -13.28 -2.27
C TRP D 39 16.80 -13.09 -0.91
N CYS D 40 16.88 -14.13 -0.10
CA CYS D 40 16.11 -14.24 1.12
C CYS D 40 16.86 -13.76 2.39
N GLY D 41 16.40 -12.65 2.99
CA GLY D 41 16.97 -12.09 4.24
C GLY D 41 17.08 -13.05 5.45
N PRO D 42 15.95 -13.66 5.89
CA PRO D 42 15.96 -14.65 6.96
C PRO D 42 16.87 -15.84 6.69
N CYS D 43 16.98 -16.25 5.43
CA CYS D 43 17.88 -17.33 5.06
C CYS D 43 19.32 -16.90 5.37
N ARG D 44 19.65 -15.66 5.01
CA ARG D 44 20.99 -15.12 5.31
C ARG D 44 21.29 -15.07 6.81
N VAL D 45 20.27 -14.74 7.59
CA VAL D 45 20.42 -14.66 9.06
C VAL D 45 20.79 -16.03 9.64
N ILE D 46 20.11 -17.07 9.16
CA ILE D 46 20.28 -18.40 9.72
C ILE D 46 21.54 -19.11 9.18
N ALA D 47 22.04 -18.67 8.01
CA ALA D 47 23.22 -19.31 7.41
C ALA D 47 24.42 -19.57 8.40
N PRO D 48 24.93 -18.53 9.12
CA PRO D 48 26.06 -18.83 10.05
C PRO D 48 25.70 -19.76 11.20
N VAL D 49 24.44 -19.79 11.60
CA VAL D 49 24.01 -20.72 12.67
C VAL D 49 24.05 -22.18 12.16
N PHE D 50 23.52 -22.39 10.95
CA PHE D 50 23.61 -23.68 10.28
C PHE D 50 25.08 -24.16 10.17
N ALA D 51 25.98 -23.25 9.76
CA ALA D 51 27.44 -23.51 9.71
C ALA D 51 27.99 -23.90 11.08
N GLU D 52 27.56 -23.17 12.11
CA GLU D 52 28.00 -23.44 13.48
C GLU D 52 27.60 -24.87 13.92
N TYR D 53 26.35 -25.25 13.63
CA TYR D 53 25.84 -26.60 13.93
C TYR D 53 26.53 -27.71 13.18
N ALA D 54 26.90 -27.45 11.93
CA ALA D 54 27.60 -28.44 11.12
C ALA D 54 28.91 -28.79 11.81
N LYS D 55 29.58 -27.77 12.33
CA LYS D 55 30.87 -27.95 13.05
C LYS D 55 30.70 -28.66 14.39
N LYS D 56 29.60 -28.34 15.06
CA LYS D 56 29.25 -28.93 16.35
C LYS D 56 28.88 -30.42 16.26
N PHE D 57 28.26 -30.80 15.15
CA PHE D 57 27.73 -32.14 14.98
C PHE D 57 28.32 -32.81 13.72
N PRO D 58 29.63 -33.13 13.74
CA PRO D 58 30.30 -33.74 12.58
C PRO D 58 29.74 -35.13 12.19
N GLY D 59 29.02 -35.76 13.13
CA GLY D 59 28.38 -37.06 12.92
C GLY D 59 27.07 -37.06 12.08
N ALA D 60 26.59 -35.86 11.77
CA ALA D 60 25.44 -35.63 10.88
C ALA D 60 25.88 -34.87 9.62
N ILE D 61 25.11 -35.01 8.55
CA ILE D 61 25.46 -34.44 7.24
C ILE D 61 24.61 -33.20 6.99
N PHE D 62 25.27 -32.05 6.79
CA PHE D 62 24.57 -30.76 6.63
C PHE D 62 24.69 -30.31 5.18
N LEU D 63 23.56 -30.33 4.45
CA LEU D 63 23.57 -29.91 3.04
C LEU D 63 22.88 -28.58 2.90
N LYS D 64 23.44 -27.69 2.08
CA LYS D 64 22.74 -26.47 1.72
C LYS D 64 22.36 -26.51 0.23
N VAL D 65 21.09 -26.26 -0.03
CA VAL D 65 20.50 -26.26 -1.37
C VAL D 65 19.93 -24.87 -1.64
N ASP D 66 20.49 -24.19 -2.63
CA ASP D 66 19.95 -22.94 -3.09
C ASP D 66 18.88 -23.33 -4.10
N VAL D 67 17.63 -23.04 -3.76
CA VAL D 67 16.47 -23.44 -4.58
C VAL D 67 16.42 -22.84 -5.98
N ASP D 68 17.07 -21.69 -6.20
CA ASP D 68 17.21 -21.19 -7.56
C ASP D 68 18.35 -21.82 -8.36
N GLU D 69 19.42 -22.20 -7.67
CA GLU D 69 20.51 -22.90 -8.35
C GLU D 69 20.12 -24.35 -8.69
N LEU D 70 19.39 -25.00 -7.80
CA LEU D 70 18.95 -26.39 -8.01
C LEU D 70 17.41 -26.49 -8.13
N LYS D 71 16.86 -26.02 -9.24
CA LYS D 71 15.41 -25.90 -9.43
C LYS D 71 14.76 -27.30 -9.48
N ASP D 72 15.53 -28.27 -9.98
CA ASP D 72 15.09 -29.66 -10.03
C ASP D 72 14.93 -30.26 -8.62
N VAL D 73 15.95 -30.12 -7.79
CA VAL D 73 15.89 -30.53 -6.37
C VAL D 73 14.72 -29.83 -5.66
N ALA D 74 14.61 -28.50 -5.84
CA ALA D 74 13.52 -27.74 -5.22
C ALA D 74 12.12 -28.29 -5.58
N GLU D 75 11.91 -28.58 -6.86
CA GLU D 75 10.65 -29.14 -7.40
C GLU D 75 10.26 -30.47 -6.74
N ALA D 76 11.25 -31.27 -6.38
CA ALA D 76 11.01 -32.57 -5.75
C ALA D 76 10.44 -32.42 -4.33
N TYR D 77 10.89 -31.40 -3.61
CA TYR D 77 10.54 -31.19 -2.21
C TYR D 77 9.36 -30.22 -2.05
N ASN D 78 9.28 -29.24 -2.94
CA ASN D 78 8.19 -28.25 -2.91
C ASN D 78 7.93 -27.74 -1.48
N VAL D 79 8.99 -27.22 -0.84
CA VAL D 79 8.87 -26.68 0.54
C VAL D 79 7.88 -25.52 0.62
N GLU D 80 7.27 -25.33 1.77
CA GLU D 80 6.22 -24.33 1.82
C GLU D 80 6.64 -22.97 2.34
N ALA D 81 7.92 -22.84 2.70
CA ALA D 81 8.47 -21.58 3.17
C ALA D 81 9.96 -21.42 2.93
N MET D 82 10.40 -20.18 2.84
N MET D 82 10.40 -20.17 2.90
CA MET D 82 11.81 -19.86 2.80
CA MET D 82 11.80 -19.84 2.84
C MET D 82 12.23 -19.14 4.09
C MET D 82 12.24 -19.12 4.11
N PRO D 83 13.21 -19.70 4.84
CA PRO D 83 13.85 -20.99 4.61
C PRO D 83 13.01 -22.16 5.15
N THR D 84 13.39 -23.38 4.75
CA THR D 84 12.86 -24.61 5.31
C THR D 84 14.03 -25.58 5.52
N PHE D 85 14.02 -26.26 6.66
CA PHE D 85 14.99 -27.29 6.99
C PHE D 85 14.32 -28.64 6.99
N LEU D 86 14.84 -29.57 6.21
CA LEU D 86 14.30 -30.94 6.22
C LEU D 86 15.28 -31.92 6.87
N PHE D 87 14.75 -32.85 7.66
CA PHE D 87 15.55 -33.87 8.36
C PHE D 87 15.25 -35.20 7.72
N ILE D 88 16.31 -35.86 7.24
CA ILE D 88 16.20 -37.07 6.45
C ILE D 88 16.98 -38.16 7.15
N LYS D 89 16.37 -39.32 7.29
CA LYS D 89 17.04 -40.45 7.91
C LYS D 89 16.62 -41.74 7.25
N ASP D 90 17.63 -42.55 6.88
CA ASP D 90 17.42 -43.79 6.12
C ASP D 90 16.49 -43.60 4.91
N GLY D 91 16.75 -42.54 4.14
CA GLY D 91 16.00 -42.24 2.91
C GLY D 91 14.64 -41.57 3.02
N GLU D 92 14.17 -41.37 4.26
N GLU D 92 14.13 -41.39 4.24
CA GLU D 92 12.84 -40.82 4.52
CA GLU D 92 12.80 -40.80 4.41
C GLU D 92 12.88 -39.48 5.25
C GLU D 92 12.78 -39.54 5.28
N LYS D 93 11.97 -38.57 4.88
CA LYS D 93 11.84 -37.33 5.62
C LYS D 93 11.21 -37.65 6.99
N VAL D 94 11.92 -37.27 8.04
CA VAL D 94 11.50 -37.59 9.43
C VAL D 94 11.10 -36.36 10.26
N ASP D 95 11.53 -35.17 9.84
CA ASP D 95 11.09 -33.94 10.52
C ASP D 95 11.35 -32.75 9.61
N SER D 96 10.90 -31.61 10.05
CA SER D 96 11.13 -30.37 9.33
C SER D 96 11.01 -29.18 10.29
N VAL D 97 11.64 -28.09 9.87
CA VAL D 97 11.48 -26.77 10.52
C VAL D 97 11.16 -25.76 9.42
N VAL D 98 10.09 -24.99 9.64
CA VAL D 98 9.73 -23.81 8.83
C VAL D 98 10.40 -22.57 9.44
N GLY D 99 11.19 -21.85 8.66
CA GLY D 99 11.88 -20.64 9.18
C GLY D 99 13.21 -20.98 9.83
N GLY D 100 13.94 -19.93 10.24
CA GLY D 100 15.27 -20.07 10.85
C GLY D 100 15.16 -20.09 12.35
N ARG D 101 14.42 -21.07 12.84
CA ARG D 101 14.17 -21.19 14.28
C ARG D 101 15.33 -21.99 14.85
N LYS D 102 16.36 -21.31 15.35
CA LYS D 102 17.63 -22.01 15.64
C LYS D 102 17.53 -23.02 16.77
N ASP D 103 16.72 -22.72 17.78
CA ASP D 103 16.59 -23.69 18.89
C ASP D 103 15.87 -24.97 18.45
N ASP D 104 14.78 -24.79 17.71
CA ASP D 104 14.06 -25.96 17.13
C ASP D 104 14.93 -26.84 16.22
N ILE D 105 15.76 -26.20 15.40
CA ILE D 105 16.67 -26.96 14.53
C ILE D 105 17.64 -27.76 15.42
N HIS D 106 18.22 -27.07 16.40
CA HIS D 106 19.20 -27.69 17.33
C HIS D 106 18.55 -28.86 18.06
N THR D 107 17.36 -28.64 18.60
CA THR D 107 16.62 -29.69 19.34
C THR D 107 16.45 -30.93 18.47
N LYS D 108 16.02 -30.72 17.21
CA LYS D 108 15.79 -31.82 16.29
C LYS D 108 17.05 -32.60 15.91
N ILE D 109 18.14 -31.89 15.65
CA ILE D 109 19.47 -32.54 15.47
C ILE D 109 19.81 -33.49 16.64
N VAL D 110 19.70 -32.97 17.88
CA VAL D 110 19.96 -33.79 19.08
C VAL D 110 19.07 -35.02 19.16
N ALA D 111 17.77 -34.81 19.01
CA ALA D 111 16.75 -35.86 19.11
C ALA D 111 16.92 -36.95 18.05
N LEU D 112 17.24 -36.53 16.82
CA LEU D 112 17.27 -37.44 15.65
C LEU D 112 18.60 -38.16 15.43
N MET D 113 19.69 -37.61 15.96
CA MET D 113 20.94 -38.37 16.02
C MET D 113 20.91 -39.49 17.07
N GLY D 114 20.19 -39.44 18.09
#